data_1T8Z
#
_entry.id   1T8Z
#
_cell.length_a   30.547
_cell.length_b   30.665
_cell.length_c   72.405
_cell.angle_alpha   97.37
_cell.angle_beta   91.94
_cell.angle_gamma   113.46
#
_symmetry.space_group_name_H-M   'P 1'
#
loop_
_entity.id
_entity.type
_entity.pdbx_description
1 polymer 'Major outer membrane lipoprotein'
2 non-polymer 'SULFATE ION'
3 non-polymer 'DODECAETHYLENE GLYCOL'
4 water water
#
_entity_poly.entity_id   1
_entity_poly.type   'polypeptide(L)'
_entity_poly.pdbx_seq_one_letter_code
;SSNAKWDQWSSDWQTWNAKWDQWSNDWNAWRSDWQAWKDDWARWNQRWDNWAT
;
_entity_poly.pdbx_strand_id   A,B,C,D,E
#
# COMPACT_ATOMS: atom_id res chain seq x y z
N ALA A 4 17.04 27.73 -18.91
CA ALA A 4 17.13 28.68 -17.74
C ALA A 4 15.94 28.49 -16.78
N LYS A 5 14.73 28.83 -17.27
CA LYS A 5 13.48 28.40 -16.64
C LYS A 5 13.36 26.91 -16.88
N TRP A 6 13.79 26.46 -18.06
CA TRP A 6 13.90 25.05 -18.40
C TRP A 6 15.02 24.34 -17.62
N ASP A 7 16.09 25.05 -17.27
CA ASP A 7 17.05 24.56 -16.28
C ASP A 7 16.41 24.50 -14.90
N GLN A 8 15.43 25.36 -14.66
CA GLN A 8 14.72 25.18 -13.43
C GLN A 8 13.91 23.87 -13.49
N TRP A 9 13.20 23.62 -14.60
CA TRP A 9 12.39 22.41 -14.72
C TRP A 9 13.24 21.13 -14.56
N SER A 10 14.33 20.99 -15.32
CA SER A 10 15.25 19.86 -15.16
C SER A 10 15.72 19.65 -13.74
N SER A 11 16.15 20.72 -13.09
CA SER A 11 16.48 20.67 -11.68
C SER A 11 15.28 20.15 -10.84
N ASP A 12 14.08 20.68 -11.05
CA ASP A 12 12.94 20.33 -10.21
C ASP A 12 12.58 18.91 -10.45
N TRP A 13 12.71 18.48 -11.69
CA TRP A 13 12.43 17.09 -12.04
C TRP A 13 13.39 16.12 -11.35
N GLN A 14 14.68 16.45 -11.37
CA GLN A 14 15.63 15.60 -10.68
C GLN A 14 15.37 15.52 -9.19
N THR A 15 14.92 16.63 -8.61
CA THR A 15 14.67 16.69 -7.17
C THR A 15 13.44 15.83 -6.85
N TRP A 16 12.46 15.84 -7.77
CA TRP A 16 11.29 15.05 -7.62
C TRP A 16 11.65 13.59 -7.62
N ASN A 17 12.51 13.20 -8.59
CA ASN A 17 12.89 11.83 -8.79
C ASN A 17 13.60 11.31 -7.56
N ALA A 18 14.34 12.19 -6.87
CA ALA A 18 15.11 11.75 -5.70
C ALA A 18 14.15 11.53 -4.53
N LYS A 19 13.13 12.35 -4.46
CA LYS A 19 12.15 12.20 -3.44
C LYS A 19 11.31 10.91 -3.72
N TRP A 20 10.93 10.69 -4.98
CA TRP A 20 10.20 9.43 -5.36
C TRP A 20 11.07 8.17 -5.06
N ASP A 21 12.38 8.28 -5.37
CA ASP A 21 13.27 7.15 -5.19
C ASP A 21 13.31 6.79 -3.68
N GLN A 22 13.24 7.78 -2.81
CA GLN A 22 13.30 7.46 -1.38
C GLN A 22 12.02 6.74 -0.97
N TRP A 23 10.89 7.23 -1.50
CA TRP A 23 9.62 6.55 -1.26
C TRP A 23 9.64 5.07 -1.77
N SER A 24 10.11 4.89 -3.00
CA SER A 24 10.23 3.55 -3.53
C SER A 24 11.06 2.67 -2.58
N ASN A 25 12.19 3.21 -2.13
CA ASN A 25 13.08 2.45 -1.26
C ASN A 25 12.35 2.06 0.02
N ASP A 26 11.63 3.02 0.61
CA ASP A 26 10.85 2.78 1.81
C ASP A 26 9.75 1.75 1.63
N TRP A 27 9.04 1.79 0.49
CA TRP A 27 8.02 0.79 0.23
C TRP A 27 8.69 -0.57 0.11
N ASN A 28 9.83 -0.59 -0.57
CA ASN A 28 10.55 -1.85 -0.77
C ASN A 28 11.02 -2.43 0.57
N ALA A 29 11.40 -1.55 1.50
CA ALA A 29 11.82 -1.97 2.84
C ALA A 29 10.58 -2.57 3.57
N TRP A 30 9.46 -1.86 3.44
CA TRP A 30 8.20 -2.34 4.01
C TRP A 30 7.86 -3.74 3.46
N ARG A 31 7.99 -3.94 2.13
CA ARG A 31 7.62 -5.20 1.52
C ARG A 31 8.52 -6.35 2.06
N SER A 32 9.81 -6.05 2.29
CA SER A 32 10.74 -6.96 2.99
C SER A 32 10.29 -7.33 4.37
N ASP A 33 9.85 -6.33 5.12
CA ASP A 33 9.36 -6.54 6.48
C ASP A 33 8.05 -7.33 6.52
N TRP A 34 7.16 -7.12 5.55
CA TRP A 34 5.98 -7.96 5.38
C TRP A 34 6.30 -9.45 5.08
N GLN A 35 7.27 -9.66 4.18
CA GLN A 35 7.66 -11.03 3.86
C GLN A 35 8.23 -11.72 5.13
N ALA A 36 9.13 -11.04 5.82
CA ALA A 36 9.67 -11.54 7.07
C ALA A 36 8.54 -11.88 8.08
N TRP A 37 7.58 -10.92 8.27
CA TRP A 37 6.42 -11.22 9.09
C TRP A 37 5.69 -12.52 8.66
N LYS A 38 5.48 -12.64 7.35
CA LYS A 38 4.79 -13.77 6.72
C LYS A 38 5.50 -15.09 7.09
N ASP A 39 6.83 -15.05 7.08
CA ASP A 39 7.67 -16.21 7.54
C ASP A 39 7.42 -16.52 9.01
N ASP A 40 7.43 -15.47 9.85
CA ASP A 40 7.18 -15.61 11.29
C ASP A 40 5.77 -16.15 11.56
N TRP A 41 4.80 -15.66 10.78
CA TRP A 41 3.42 -16.18 10.87
C TRP A 41 3.32 -17.68 10.48
N ALA A 42 3.96 -18.11 9.38
CA ALA A 42 3.98 -19.48 8.95
C ALA A 42 4.60 -20.36 10.07
N ARG A 43 5.68 -19.90 10.70
CA ARG A 43 6.44 -20.65 11.72
C ARG A 43 5.49 -20.82 12.93
N TRP A 44 4.76 -19.75 13.32
CA TRP A 44 3.95 -19.87 14.52
C TRP A 44 2.77 -20.82 14.32
N ASN A 45 2.17 -20.81 13.13
CA ASN A 45 1.12 -21.79 12.73
C ASN A 45 1.60 -23.25 12.87
N GLN A 46 2.84 -23.53 12.47
CA GLN A 46 3.44 -24.82 12.75
C GLN A 46 3.61 -25.08 14.24
N ARG A 47 4.11 -24.10 14.96
CA ARG A 47 4.31 -24.22 16.41
C ARG A 47 3.00 -24.64 17.08
N TRP A 48 1.91 -23.96 16.74
CA TRP A 48 0.58 -24.31 17.30
C TRP A 48 -0.03 -25.59 16.75
N ASP A 49 0.35 -25.95 15.55
CA ASP A 49 -0.10 -27.21 15.00
C ASP A 49 0.51 -28.35 15.82
N ASN A 50 1.79 -28.24 16.19
CA ASN A 50 2.44 -29.27 17.04
C ASN A 50 1.89 -29.37 18.44
N TRP A 51 1.70 -28.23 19.12
CA TRP A 51 1.05 -28.20 20.44
C TRP A 51 -0.27 -28.96 20.47
N ALA A 52 -0.93 -29.00 19.31
CA ALA A 52 -2.23 -29.64 19.15
C ALA A 52 -2.18 -31.16 18.89
N THR A 53 -1.17 -31.66 18.17
CA THR A 53 -1.01 -33.11 17.99
C THR A 53 -0.29 -33.78 19.17
N ALA B 4 4.06 33.91 -17.25
CA ALA B 4 2.65 33.47 -17.05
C ALA B 4 2.61 31.95 -16.99
N LYS B 5 2.76 31.30 -18.15
CA LYS B 5 2.82 29.82 -18.25
C LYS B 5 3.90 29.16 -17.39
N TRP B 6 5.18 29.51 -17.51
CA TRP B 6 6.14 28.84 -16.63
C TRP B 6 5.95 29.16 -15.14
N ASP B 7 5.30 30.28 -14.85
CA ASP B 7 5.03 30.65 -13.47
C ASP B 7 3.78 29.93 -12.93
N GLN B 8 2.79 29.78 -13.79
CA GLN B 8 1.62 28.99 -13.46
C GLN B 8 2.05 27.50 -13.23
N TRP B 9 2.89 27.01 -14.15
CA TRP B 9 3.38 25.61 -14.04
C TRP B 9 4.21 25.40 -12.77
N SER B 10 5.12 26.29 -12.44
CA SER B 10 5.88 26.19 -11.18
C SER B 10 4.96 26.23 -9.96
N SER B 11 3.93 27.07 -9.99
CA SER B 11 2.91 27.03 -8.95
C SER B 11 2.15 25.66 -8.90
N ASP B 12 1.74 25.19 -10.06
CA ASP B 12 1.04 23.91 -10.12
C ASP B 12 1.97 22.81 -9.61
N TRP B 13 3.28 22.93 -9.84
CA TRP B 13 4.19 21.84 -9.46
C TRP B 13 4.41 21.89 -7.97
N GLN B 14 4.44 23.11 -7.42
CA GLN B 14 4.54 23.28 -5.97
C GLN B 14 3.28 22.67 -5.27
N THR B 15 2.10 22.93 -5.82
CA THR B 15 0.87 22.48 -5.22
C THR B 15 0.89 20.92 -5.22
N TRP B 16 1.34 20.32 -6.34
CA TRP B 16 1.43 18.86 -6.47
C TRP B 16 2.34 18.33 -5.41
N ASN B 17 3.54 18.89 -5.31
CA ASN B 17 4.54 18.49 -4.34
C ASN B 17 4.04 18.54 -2.93
N ALA B 18 3.28 19.58 -2.57
CA ALA B 18 2.62 19.65 -1.26
C ALA B 18 1.65 18.53 -0.99
N LYS B 19 0.89 18.15 -2.00
CA LYS B 19 -0.08 17.09 -1.93
C LYS B 19 0.69 15.79 -1.77
N TRP B 20 1.73 15.60 -2.57
CA TRP B 20 2.50 14.37 -2.49
C TRP B 20 3.13 14.24 -1.08
N ASP B 21 3.72 15.33 -0.59
CA ASP B 21 4.38 15.29 0.71
C ASP B 21 3.44 14.88 1.82
N GLN B 22 2.22 15.40 1.81
CA GLN B 22 1.27 15.05 2.84
C GLN B 22 0.89 13.56 2.72
N TRP B 23 0.69 13.11 1.50
CA TRP B 23 0.41 11.69 1.29
C TRP B 23 1.57 10.84 1.78
N SER B 24 2.79 11.22 1.42
CA SER B 24 3.97 10.50 1.87
C SER B 24 4.10 10.40 3.39
N ASN B 25 3.86 11.54 4.08
CA ASN B 25 3.84 11.56 5.55
C ASN B 25 2.81 10.56 6.09
N ASP B 26 1.64 10.45 5.45
CA ASP B 26 0.55 9.60 5.92
C ASP B 26 0.92 8.15 5.69
N TRP B 27 1.61 7.84 4.61
CA TRP B 27 2.03 6.47 4.39
C TRP B 27 3.16 6.10 5.40
N ASN B 28 4.03 7.08 5.72
CA ASN B 28 5.06 6.92 6.76
C ASN B 28 4.43 6.58 8.05
N ALA B 29 3.39 7.35 8.40
CA ALA B 29 2.72 7.13 9.66
C ALA B 29 2.06 5.76 9.66
N TRP B 30 1.47 5.35 8.53
CA TRP B 30 0.87 4.06 8.46
C TRP B 30 1.89 2.91 8.59
N ARG B 31 3.04 3.12 8.00
CA ARG B 31 4.13 2.14 8.09
C ARG B 31 4.56 1.91 9.55
N SER B 32 4.63 3.02 10.28
CA SER B 32 5.07 2.94 11.67
C SER B 32 4.01 2.24 12.48
N ASP B 33 2.74 2.55 12.17
CA ASP B 33 1.63 1.83 12.83
C ASP B 33 1.66 0.30 12.55
N TRP B 34 2.02 -0.11 11.31
CA TRP B 34 2.06 -1.54 10.91
C TRP B 34 3.21 -2.25 11.69
N GLN B 35 4.36 -1.59 11.78
CA GLN B 35 5.46 -2.16 12.57
C GLN B 35 5.10 -2.26 14.04
N ALA B 36 4.39 -1.25 14.60
CA ALA B 36 3.94 -1.34 15.99
C ALA B 36 2.99 -2.51 16.17
N TRP B 37 2.06 -2.67 15.21
CA TRP B 37 1.23 -3.87 15.19
C TRP B 37 1.96 -5.17 15.13
N LYS B 38 2.99 -5.25 14.32
CA LYS B 38 3.72 -6.48 14.09
C LYS B 38 4.44 -6.85 15.42
N ASP B 39 4.92 -5.82 16.11
CA ASP B 39 5.56 -6.03 17.46
C ASP B 39 4.54 -6.56 18.49
N ASP B 40 3.33 -6.00 18.52
CA ASP B 40 2.27 -6.48 19.41
C ASP B 40 1.90 -7.93 19.09
N TRP B 41 1.88 -8.23 17.79
CA TRP B 41 1.57 -9.59 17.26
C TRP B 41 2.55 -10.64 17.73
N ALA B 42 3.85 -10.31 17.62
CA ALA B 42 4.90 -11.15 18.12
C ALA B 42 4.80 -11.41 19.63
N ARG B 43 4.49 -10.34 20.39
CA ARG B 43 4.40 -10.33 21.86
C ARG B 43 3.22 -11.19 22.27
N TRP B 44 2.08 -11.14 21.52
CA TRP B 44 0.94 -11.98 21.85
C TRP B 44 1.25 -13.48 21.60
N ASN B 45 2.00 -13.78 20.53
CA ASN B 45 2.35 -15.17 20.24
C ASN B 45 3.19 -15.69 21.37
N GLN B 46 4.12 -14.89 21.84
CA GLN B 46 4.97 -15.26 22.99
C GLN B 46 4.19 -15.61 24.24
N ARG B 47 3.20 -14.78 24.57
CA ARG B 47 2.32 -14.87 25.74
C ARG B 47 1.56 -16.16 25.67
N TRP B 48 1.12 -16.53 24.47
CA TRP B 48 0.38 -17.77 24.34
C TRP B 48 1.32 -18.98 24.36
N ASP B 49 2.52 -18.83 23.87
CA ASP B 49 3.51 -19.90 23.87
C ASP B 49 3.86 -20.22 25.31
N ASN B 50 4.12 -19.19 26.10
CA ASN B 50 4.40 -19.40 27.52
C ASN B 50 3.22 -20.10 28.17
N TRP B 51 2.00 -19.66 27.83
CA TRP B 51 0.78 -20.16 28.46
C TRP B 51 0.58 -21.64 28.17
N ALA B 52 0.92 -22.06 26.95
CA ALA B 52 0.64 -23.41 26.45
C ALA B 52 1.67 -24.47 26.88
N THR B 53 2.88 -23.98 27.10
CA THR B 53 4.05 -24.83 27.32
C THR B 53 4.54 -24.84 28.77
N ASN C 3 -3.30 29.90 -25.77
CA ASN C 3 -2.38 28.86 -26.25
C ASN C 3 -3.07 27.50 -26.06
N ALA C 4 -3.66 26.98 -27.15
CA ALA C 4 -4.41 25.72 -27.21
C ALA C 4 -3.69 24.52 -26.58
N LYS C 5 -2.44 24.32 -26.98
CA LYS C 5 -1.65 23.20 -26.43
C LYS C 5 -1.44 23.38 -24.92
N TRP C 6 -1.19 24.62 -24.51
CA TRP C 6 -1.00 24.95 -23.08
C TRP C 6 -2.30 24.74 -22.26
N ASP C 7 -3.41 25.20 -22.78
CA ASP C 7 -4.71 24.91 -22.18
C ASP C 7 -5.04 23.40 -22.16
N GLN C 8 -4.68 22.66 -23.22
CA GLN C 8 -4.85 21.22 -23.27
C GLN C 8 -4.07 20.56 -22.14
N TRP C 9 -2.79 20.92 -21.99
CA TRP C 9 -1.96 20.41 -20.91
C TRP C 9 -2.55 20.74 -19.53
N SER C 10 -2.90 22.01 -19.29
CA SER C 10 -3.57 22.42 -18.08
C SER C 10 -4.81 21.59 -17.72
N SER C 11 -5.63 21.30 -18.71
CA SER C 11 -6.77 20.43 -18.55
C SER C 11 -6.30 19.01 -18.27
N ASP C 12 -5.27 18.56 -18.98
CA ASP C 12 -4.78 17.21 -18.71
C ASP C 12 -4.26 17.09 -17.26
N TRP C 13 -3.62 18.16 -16.80
CA TRP C 13 -3.00 18.11 -15.48
C TRP C 13 -4.11 18.15 -14.42
N GLN C 14 -5.14 18.96 -14.65
CA GLN C 14 -6.21 19.06 -13.69
C GLN C 14 -6.98 17.75 -13.59
N THR C 15 -7.16 17.11 -14.73
CA THR C 15 -7.82 15.83 -14.84
C THR C 15 -7.09 14.71 -14.08
N TRP C 16 -5.77 14.69 -14.25
CA TRP C 16 -5.03 13.68 -13.56
C TRP C 16 -5.04 14.01 -12.06
N ASN C 17 -4.94 15.28 -11.69
CA ASN C 17 -5.00 15.61 -10.25
C ASN C 17 -6.27 15.18 -9.54
N ALA C 18 -7.41 15.18 -10.29
CA ALA C 18 -8.68 14.78 -9.67
C ALA C 18 -8.63 13.29 -9.48
N LYS C 19 -8.01 12.59 -10.42
CA LYS C 19 -7.86 11.14 -10.29
C LYS C 19 -6.94 10.83 -9.08
N TRP C 20 -5.83 11.58 -8.94
CA TRP C 20 -4.95 11.39 -7.80
C TRP C 20 -5.78 11.60 -6.51
N ASP C 21 -6.51 12.72 -6.48
CA ASP C 21 -7.25 13.07 -5.25
C ASP C 21 -8.24 12.01 -4.85
N GLN C 22 -8.87 11.37 -5.86
CA GLN C 22 -9.86 10.30 -5.60
C GLN C 22 -9.13 9.05 -5.07
N TRP C 23 -7.95 8.84 -5.65
CA TRP C 23 -7.14 7.68 -5.21
C TRP C 23 -6.71 7.85 -3.79
N SER C 24 -6.29 9.08 -3.46
CA SER C 24 -5.80 9.44 -2.17
C SER C 24 -6.95 9.33 -1.14
N ASN C 25 -8.15 9.79 -1.51
CA ASN C 25 -9.34 9.56 -0.73
C ASN C 25 -9.53 8.06 -0.42
N ASP C 26 -9.40 7.23 -1.44
CA ASP C 26 -9.61 5.77 -1.33
C ASP C 26 -8.56 5.22 -0.36
N TRP C 27 -7.31 5.64 -0.49
CA TRP C 27 -6.26 5.20 0.44
C TRP C 27 -6.55 5.67 1.92
N ASN C 28 -7.05 6.90 2.10
CA ASN C 28 -7.41 7.40 3.47
C ASN C 28 -8.48 6.53 4.10
N ALA C 29 -9.48 6.14 3.28
CA ALA C 29 -10.55 5.25 3.68
C ALA C 29 -10.00 3.91 4.06
N TRP C 30 -9.09 3.32 3.21
CA TRP C 30 -8.48 2.02 3.51
C TRP C 30 -7.69 2.13 4.83
N ARG C 31 -6.93 3.22 4.99
CA ARG C 31 -6.11 3.41 6.15
C ARG C 31 -7.01 3.45 7.39
N SER C 32 -8.12 4.20 7.34
CA SER C 32 -9.04 4.13 8.44
C SER C 32 -9.64 2.74 8.76
N ASP C 33 -9.98 1.97 7.72
CA ASP C 33 -10.41 0.57 7.87
C ASP C 33 -9.32 -0.32 8.48
N TRP C 34 -8.05 -0.11 8.13
CA TRP C 34 -6.98 -0.89 8.70
C TRP C 34 -6.85 -0.56 10.21
N GLN C 35 -6.97 0.71 10.56
CA GLN C 35 -6.79 1.06 11.95
C GLN C 35 -7.99 0.53 12.78
N ALA C 36 -9.20 0.53 12.20
CA ALA C 36 -10.35 -0.10 12.84
C ALA C 36 -10.10 -1.62 13.03
N TRP C 37 -9.55 -2.32 11.97
CA TRP C 37 -9.19 -3.71 12.08
C TRP C 37 -8.16 -3.94 13.17
N LYS C 38 -7.12 -3.12 13.22
CA LYS C 38 -6.07 -3.31 14.23
C LYS C 38 -6.70 -3.18 15.65
N ASP C 39 -7.68 -2.26 15.77
CA ASP C 39 -8.33 -2.16 17.07
C ASP C 39 -9.19 -3.39 17.42
N ASP C 40 -9.90 -3.92 16.42
CA ASP C 40 -10.69 -5.15 16.55
C ASP C 40 -9.76 -6.31 16.93
N TRP C 41 -8.57 -6.33 16.31
CA TRP C 41 -7.64 -7.46 16.55
C TRP C 41 -7.22 -7.42 18.02
N ALA C 42 -7.03 -6.21 18.57
CA ALA C 42 -6.64 -6.08 19.96
C ALA C 42 -7.80 -6.48 20.87
N ARG C 43 -9.00 -6.04 20.50
CA ARG C 43 -10.24 -6.36 21.23
C ARG C 43 -10.39 -7.90 21.32
N TRP C 44 -10.14 -8.65 20.22
CA TRP C 44 -10.34 -10.07 20.25
C TRP C 44 -9.17 -10.75 21.01
N ASN C 45 -7.96 -10.22 20.90
CA ASN C 45 -6.88 -10.70 21.79
C ASN C 45 -7.28 -10.63 23.26
N GLN C 46 -7.90 -9.51 23.66
CA GLN C 46 -8.32 -9.32 25.05
C GLN C 46 -9.38 -10.36 25.40
N ARG C 47 -10.29 -10.66 24.49
CA ARG C 47 -11.32 -11.66 24.72
C ARG C 47 -10.67 -13.06 24.92
N TRP C 48 -9.74 -13.43 24.05
CA TRP C 48 -9.16 -14.77 24.15
C TRP C 48 -8.31 -14.89 25.43
N ASP C 49 -7.65 -13.80 25.80
CA ASP C 49 -6.92 -13.73 27.06
C ASP C 49 -7.88 -13.87 28.26
N ASN C 50 -9.02 -13.18 28.24
CA ASN C 50 -10.06 -13.39 29.23
C ASN C 50 -10.49 -14.87 29.24
N TRP C 51 -10.53 -15.50 28.08
CA TRP C 51 -11.06 -16.85 27.96
C TRP C 51 -10.14 -17.84 28.70
N ALA C 52 -8.87 -17.47 28.83
CA ALA C 52 -7.83 -18.36 29.35
C ALA C 52 -7.50 -18.07 30.83
N THR C 53 -8.02 -16.98 31.35
CA THR C 53 -7.68 -16.45 32.67
C THR C 53 -8.65 -16.88 33.78
N ASP D 7 3.10 18.39 -30.02
CA ASP D 7 4.25 17.47 -30.09
C ASP D 7 3.95 16.10 -29.40
N GLN D 8 5.01 15.35 -29.11
CA GLN D 8 4.84 13.98 -28.63
C GLN D 8 4.34 13.93 -27.16
N TRP D 9 4.43 15.05 -26.46
CA TRP D 9 3.98 15.15 -25.06
C TRP D 9 2.56 14.62 -24.79
N SER D 10 1.59 15.05 -25.59
CA SER D 10 0.20 14.72 -25.32
C SER D 10 -0.12 13.21 -25.45
N SER D 11 0.44 12.55 -26.47
CA SER D 11 0.34 11.10 -26.58
C SER D 11 1.12 10.39 -25.43
N ASP D 12 2.28 10.90 -25.10
CA ASP D 12 3.06 10.31 -24.01
C ASP D 12 2.39 10.37 -22.67
N TRP D 13 1.67 11.47 -22.44
CA TRP D 13 0.92 11.65 -21.22
C TRP D 13 -0.30 10.75 -21.25
N GLN D 14 -0.91 10.58 -22.41
CA GLN D 14 -2.03 9.66 -22.45
C GLN D 14 -1.59 8.23 -22.09
N THR D 15 -0.43 7.84 -22.61
CA THR D 15 0.10 6.55 -22.33
C THR D 15 0.32 6.26 -20.80
N TRP D 16 1.08 7.14 -20.13
CA TRP D 16 1.30 6.96 -18.69
C TRP D 16 -0.03 7.11 -17.89
N ASN D 17 -0.98 7.92 -18.36
CA ASN D 17 -2.29 8.06 -17.74
C ASN D 17 -3.07 6.74 -17.72
N ALA D 18 -3.04 6.00 -18.85
CA ALA D 18 -3.58 4.63 -18.94
C ALA D 18 -2.89 3.66 -18.00
N LYS D 19 -1.56 3.66 -17.95
CA LYS D 19 -0.81 2.94 -16.93
C LYS D 19 -1.33 3.27 -15.54
N TRP D 20 -1.50 4.57 -15.23
CA TRP D 20 -1.92 5.00 -13.88
C TRP D 20 -3.35 4.44 -13.61
N ASP D 21 -4.25 4.65 -14.59
CA ASP D 21 -5.64 4.21 -14.41
C ASP D 21 -5.69 2.72 -14.13
N GLN D 22 -4.83 1.99 -14.81
CA GLN D 22 -4.84 0.53 -14.67
C GLN D 22 -4.30 0.16 -13.32
N TRP D 23 -3.25 0.88 -12.87
CA TRP D 23 -2.67 0.59 -11.58
C TRP D 23 -3.74 0.90 -10.50
N SER D 24 -4.47 2.01 -10.66
CA SER D 24 -5.46 2.45 -9.73
C SER D 24 -6.57 1.40 -9.58
N ASN D 25 -6.96 0.83 -10.71
CA ASN D 25 -7.94 -0.23 -10.68
C ASN D 25 -7.39 -1.54 -10.06
N ASP D 26 -6.09 -1.86 -10.23
CA ASP D 26 -5.52 -2.98 -9.56
C ASP D 26 -5.49 -2.78 -8.04
N TRP D 27 -5.23 -1.55 -7.59
CA TRP D 27 -5.30 -1.20 -6.16
C TRP D 27 -6.77 -1.35 -5.64
N ASN D 28 -7.76 -0.98 -6.46
CA ASN D 28 -9.20 -1.07 -6.04
C ASN D 28 -9.55 -2.56 -5.89
N ALA D 29 -8.98 -3.37 -6.79
CA ALA D 29 -9.21 -4.81 -6.72
C ALA D 29 -8.55 -5.44 -5.45
N TRP D 30 -7.33 -5.05 -5.14
CA TRP D 30 -6.68 -5.45 -3.89
C TRP D 30 -7.51 -4.98 -2.63
N ARG D 31 -7.92 -3.71 -2.63
CA ARG D 31 -8.74 -3.20 -1.55
C ARG D 31 -9.98 -4.04 -1.33
N SER D 32 -10.62 -4.43 -2.44
CA SER D 32 -11.79 -5.33 -2.41
C SER D 32 -11.47 -6.61 -1.73
N ASP D 33 -10.34 -7.20 -2.16
CA ASP D 33 -9.84 -8.45 -1.60
C ASP D 33 -9.53 -8.32 -0.08
N TRP D 34 -9.03 -7.12 0.33
CA TRP D 34 -8.60 -6.94 1.70
C TRP D 34 -9.89 -6.83 2.55
N GLN D 35 -10.87 -6.13 2.00
CA GLN D 35 -12.13 -6.00 2.80
C GLN D 35 -12.81 -7.38 2.90
N ALA D 36 -12.74 -8.25 1.85
CA ALA D 36 -13.32 -9.60 1.92
C ALA D 36 -12.59 -10.41 2.95
N TRP D 37 -11.24 -10.32 2.94
CA TRP D 37 -10.41 -10.98 3.94
C TRP D 37 -10.80 -10.46 5.38
N LYS D 38 -10.95 -9.13 5.59
CA LYS D 38 -11.25 -8.54 6.93
C LYS D 38 -12.62 -9.06 7.44
N ASP D 39 -13.57 -9.20 6.49
CA ASP D 39 -14.85 -9.80 6.84
C ASP D 39 -14.76 -11.25 7.18
N ASP D 40 -13.93 -12.03 6.45
CA ASP D 40 -13.71 -13.43 6.78
C ASP D 40 -12.98 -13.63 8.12
N TRP D 41 -12.10 -12.67 8.43
CA TRP D 41 -11.34 -12.68 9.70
C TRP D 41 -12.36 -12.52 10.84
N ALA D 42 -13.26 -11.57 10.65
CA ALA D 42 -14.35 -11.34 11.62
C ALA D 42 -15.25 -12.54 11.81
N ARG D 43 -15.65 -13.16 10.68
CA ARG D 43 -16.51 -14.37 10.70
C ARG D 43 -15.85 -15.48 11.46
N TRP D 44 -14.55 -15.68 11.20
CA TRP D 44 -13.84 -16.71 11.92
C TRP D 44 -13.79 -16.46 13.43
N ASN D 45 -13.57 -15.18 13.80
CA ASN D 45 -13.60 -14.88 15.25
C ASN D 45 -14.93 -15.14 15.94
N GLN D 46 -15.98 -14.80 15.22
CA GLN D 46 -17.36 -15.05 15.70
C GLN D 46 -17.65 -16.52 15.83
N ARG D 47 -17.24 -17.28 14.83
CA ARG D 47 -17.40 -18.72 14.82
C ARG D 47 -16.72 -19.34 16.02
N TRP D 48 -15.45 -19.01 16.26
CA TRP D 48 -14.72 -19.55 17.42
C TRP D 48 -15.27 -19.04 18.76
N ASP D 49 -15.75 -17.79 18.81
CA ASP D 49 -16.34 -17.31 20.04
C ASP D 49 -17.59 -18.16 20.31
N ASN D 50 -18.34 -18.47 19.26
CA ASN D 50 -19.61 -19.18 19.41
C ASN D 50 -19.39 -20.51 20.05
N TRP D 51 -18.22 -21.06 19.74
CA TRP D 51 -17.82 -22.38 20.17
C TRP D 51 -17.20 -22.32 21.58
N ALA D 52 -16.39 -21.30 21.81
CA ALA D 52 -15.57 -21.20 23.05
C ALA D 52 -16.27 -20.65 24.31
N THR D 53 -17.42 -20.02 24.13
CA THR D 53 -18.05 -19.29 25.23
C THR D 53 -18.94 -20.25 25.99
N ALA E 4 14.54 21.05 -29.52
CA ALA E 4 15.27 20.01 -28.75
C ALA E 4 15.02 19.93 -27.23
N LYS E 5 14.57 21.02 -26.57
CA LYS E 5 14.18 20.90 -25.14
C LYS E 5 13.17 19.79 -25.03
N TRP E 6 12.27 19.70 -26.02
CA TRP E 6 11.19 18.73 -26.02
C TRP E 6 11.73 17.31 -26.26
N ASP E 7 12.89 17.19 -26.96
CA ASP E 7 13.55 15.90 -27.17
C ASP E 7 14.19 15.41 -25.88
N GLN E 8 14.83 16.31 -25.14
CA GLN E 8 15.39 15.97 -23.82
C GLN E 8 14.33 15.58 -22.79
N TRP E 9 13.29 16.38 -22.70
CA TRP E 9 12.13 15.98 -21.91
C TRP E 9 11.55 14.63 -22.31
N SER E 10 11.36 14.36 -23.59
CA SER E 10 10.91 13.03 -24.06
C SER E 10 11.82 11.87 -23.55
N SER E 11 13.15 12.05 -23.57
CA SER E 11 14.06 11.02 -23.03
C SER E 11 13.94 10.90 -21.52
N ASP E 12 13.82 12.04 -20.83
CA ASP E 12 13.65 12.01 -19.37
C ASP E 12 12.38 11.20 -19.04
N TRP E 13 11.35 11.41 -19.87
CA TRP E 13 10.08 10.78 -19.59
C TRP E 13 10.18 9.27 -19.83
N GLN E 14 11.01 8.86 -20.79
CA GLN E 14 11.25 7.44 -21.03
C GLN E 14 11.89 6.85 -19.75
N THR E 15 12.83 7.59 -19.16
CA THR E 15 13.52 7.01 -18.00
C THR E 15 12.55 6.88 -16.80
N TRP E 16 11.66 7.90 -16.68
CA TRP E 16 10.69 7.89 -15.59
C TRP E 16 9.73 6.73 -15.78
N ASN E 17 9.27 6.51 -17.01
CA ASN E 17 8.37 5.42 -17.31
C ASN E 17 8.99 4.06 -16.97
N ALA E 18 10.26 3.86 -17.26
CA ALA E 18 10.97 2.60 -16.94
C ALA E 18 11.10 2.40 -15.41
N LYS E 19 11.32 3.48 -14.67
CA LYS E 19 11.37 3.40 -13.21
C LYS E 19 9.98 3.08 -12.64
N TRP E 20 8.96 3.75 -13.18
CA TRP E 20 7.57 3.51 -12.78
C TRP E 20 7.23 2.06 -12.98
N ASP E 21 7.61 1.53 -14.14
CA ASP E 21 7.30 0.14 -14.54
C ASP E 21 7.90 -0.83 -13.58
N GLN E 22 9.11 -0.54 -13.10
CA GLN E 22 9.72 -1.37 -12.08
C GLN E 22 8.94 -1.40 -10.79
N TRP E 23 8.54 -0.20 -10.35
CA TRP E 23 7.73 -0.13 -9.12
C TRP E 23 6.41 -0.95 -9.28
N SER E 24 5.76 -0.82 -10.42
CA SER E 24 4.52 -1.53 -10.76
C SER E 24 4.74 -3.04 -10.77
N ASN E 25 5.87 -3.49 -11.31
CA ASN E 25 6.14 -4.93 -11.24
C ASN E 25 6.30 -5.44 -9.79
N ASP E 26 7.01 -4.66 -8.98
CA ASP E 26 7.19 -4.97 -7.55
C ASP E 26 5.82 -4.92 -6.80
N TRP E 27 4.96 -4.02 -7.15
CA TRP E 27 3.59 -3.93 -6.53
C TRP E 27 2.85 -5.23 -6.96
N ASN E 28 2.91 -5.59 -8.26
CA ASN E 28 2.23 -6.80 -8.75
C ASN E 28 2.69 -8.08 -8.09
N ALA E 29 3.96 -8.14 -7.84
CA ALA E 29 4.53 -9.32 -7.23
C ALA E 29 4.08 -9.39 -5.74
N TRP E 30 4.00 -8.23 -5.06
CA TRP E 30 3.56 -8.18 -3.66
C TRP E 30 2.08 -8.61 -3.62
N ARG E 31 1.27 -8.04 -4.47
CA ARG E 31 -0.14 -8.48 -4.59
C ARG E 31 -0.31 -10.01 -4.71
N SER E 32 0.48 -10.59 -5.63
CA SER E 32 0.51 -12.04 -5.76
C SER E 32 0.93 -12.69 -4.47
N ASP E 33 1.94 -12.17 -3.79
CA ASP E 33 2.33 -12.70 -2.48
C ASP E 33 1.21 -12.62 -1.42
N TRP E 34 0.49 -11.51 -1.45
CA TRP E 34 -0.57 -11.30 -0.48
C TRP E 34 -1.72 -12.29 -0.72
N GLN E 35 -2.06 -12.48 -1.99
CA GLN E 35 -3.12 -13.45 -2.33
C GLN E 35 -2.77 -14.92 -1.92
N ALA E 36 -1.51 -15.30 -2.17
CA ALA E 36 -0.95 -16.57 -1.71
C ALA E 36 -1.03 -16.70 -0.18
N TRP E 37 -0.68 -15.63 0.53
CA TRP E 37 -0.82 -15.59 1.99
C TRP E 37 -2.26 -15.74 2.45
N LYS E 38 -3.17 -15.07 1.78
CA LYS E 38 -4.61 -15.09 2.14
C LYS E 38 -5.15 -16.53 2.03
N ASP E 39 -4.71 -17.18 0.98
CA ASP E 39 -5.11 -18.58 0.78
C ASP E 39 -4.53 -19.51 1.83
N ASP E 40 -3.26 -19.30 2.21
CA ASP E 40 -2.63 -20.08 3.27
C ASP E 40 -3.39 -19.79 4.59
N TRP E 41 -3.79 -18.53 4.82
CA TRP E 41 -4.54 -18.20 6.02
C TRP E 41 -5.87 -18.91 6.09
N ALA E 42 -6.61 -18.89 5.00
CA ALA E 42 -7.88 -19.62 4.96
C ALA E 42 -7.70 -21.15 5.15
N ARG E 43 -6.61 -21.70 4.63
CA ARG E 43 -6.40 -23.15 4.81
C ARG E 43 -6.13 -23.50 6.22
N TRP E 44 -5.33 -22.68 6.90
CA TRP E 44 -5.06 -22.91 8.31
C TRP E 44 -6.37 -22.77 9.18
N ASN E 45 -7.28 -21.87 8.82
CA ASN E 45 -8.53 -21.68 9.60
C ASN E 45 -9.32 -22.92 9.53
N GLN E 46 -9.40 -23.44 8.31
CA GLN E 46 -10.11 -24.66 8.03
C GLN E 46 -9.49 -25.82 8.82
N ARG E 47 -8.17 -25.87 8.89
CA ARG E 47 -7.41 -26.76 9.77
C ARG E 47 -7.72 -26.66 11.28
N TRP E 48 -7.64 -25.45 11.84
CA TRP E 48 -7.96 -25.28 13.26
C TRP E 48 -9.45 -25.67 13.47
N ASP E 49 -10.28 -25.53 12.44
CA ASP E 49 -11.73 -25.77 12.56
C ASP E 49 -11.95 -27.24 12.97
N ASN E 50 -11.04 -28.13 12.56
CA ASN E 50 -11.04 -29.54 13.03
C ASN E 50 -10.72 -29.76 14.53
N TRP E 51 -10.23 -28.73 15.22
CA TRP E 51 -10.10 -28.76 16.68
C TRP E 51 -11.42 -28.38 17.38
N ALA E 52 -12.37 -27.78 16.64
CA ALA E 52 -13.71 -27.49 17.17
C ALA E 52 -14.56 -28.74 17.35
#